data_3G83
#
_entry.id   3G83
#
_cell.length_a   55.754
_cell.length_b   108.774
_cell.length_c   56.011
_cell.angle_alpha   90.000
_cell.angle_beta   91.580
_cell.angle_gamma   90.000
#
_symmetry.space_group_name_H-M   'P 1 21 1'
#
loop_
_entity.id
_entity.type
_entity.pdbx_description
1 polymer 'Pulmonary surfactant-associated protein D'
2 branched alpha-D-mannopyranose-(1-2)-alpha-D-mannopyranose
3 non-polymer 'CALCIUM ION'
4 water water
#
_entity_poly.entity_id   1
_entity_poly.type   'polypeptide(L)'
_entity_poly.pdbx_seq_one_letter_code
;AMADIGSDVASLRQQVEALQGQVQHLQAAFSQYKKVELFPNGQSVGEKIFKTAGFVKPFTEAQLLCTQAGGQLASPRSAA
ENAALQQLVVAKNEAAFLSMTDSKTEGKFTYPTGESLVYSNWAPGEPNDDGGSEDCVEIFTNGKWNDRACGEKRLVVCEF
;
_entity_poly.pdbx_strand_id   A,B,C
#
loop_
_chem_comp.id
_chem_comp.type
_chem_comp.name
_chem_comp.formula
CA non-polymer 'CALCIUM ION' 'Ca 2'
MAN D-saccharide, alpha linking alpha-D-mannopyranose 'C6 H12 O6'
#
# COMPACT_ATOMS: atom_id res chain seq x y z
N ALA A 10 -25.80 23.27 -28.83
CA ALA A 10 -26.78 22.34 -29.39
C ALA A 10 -26.57 20.91 -28.86
N SER A 11 -25.61 20.20 -29.44
CA SER A 11 -25.29 18.85 -28.99
C SER A 11 -24.27 18.91 -27.85
N LEU A 12 -24.02 20.11 -27.35
CA LEU A 12 -23.08 20.30 -26.26
C LEU A 12 -23.61 19.65 -24.98
N ARG A 13 -24.93 19.62 -24.85
CA ARG A 13 -25.57 18.99 -23.71
C ARG A 13 -25.14 17.53 -23.60
N GLN A 14 -24.86 16.91 -24.74
CA GLN A 14 -24.50 15.49 -24.78
C GLN A 14 -23.03 15.24 -24.47
N GLN A 15 -22.19 16.24 -24.71
CA GLN A 15 -20.78 16.15 -24.34
C GLN A 15 -20.64 16.38 -22.84
N VAL A 16 -21.59 17.12 -22.28
CA VAL A 16 -21.65 17.37 -20.85
C VAL A 16 -21.99 16.09 -20.12
N GLU A 17 -23.06 15.43 -20.56
CA GLU A 17 -23.49 14.18 -19.94
C GLU A 17 -22.43 13.10 -20.10
N ALA A 18 -21.75 13.10 -21.24
CA ALA A 18 -20.72 12.12 -21.50
C ALA A 18 -19.59 12.28 -20.50
N LEU A 19 -19.19 13.52 -20.28
CA LEU A 19 -18.13 13.82 -19.34
C LEU A 19 -18.57 13.50 -17.91
N GLN A 20 -19.85 13.75 -17.64
CA GLN A 20 -20.43 13.48 -16.35
C GLN A 20 -20.23 12.00 -16.02
N GLY A 21 -20.42 11.16 -17.02
CA GLY A 21 -20.30 9.72 -16.85
C GLY A 21 -18.88 9.29 -16.52
N GLN A 22 -17.92 9.78 -17.30
CA GLN A 22 -16.52 9.42 -17.08
C GLN A 22 -16.04 9.92 -15.73
N VAL A 23 -16.44 11.14 -15.37
CA VAL A 23 -16.04 11.70 -14.09
C VAL A 23 -16.59 10.85 -12.96
N GLN A 24 -17.81 10.37 -13.12
CA GLN A 24 -18.46 9.66 -12.03
C GLN A 24 -17.92 8.25 -11.89
N HIS A 25 -17.61 7.63 -13.02
CA HIS A 25 -16.94 6.34 -13.00
C HIS A 25 -15.57 6.46 -12.35
N LEU A 26 -14.87 7.55 -12.65
CA LEU A 26 -13.58 7.84 -12.03
C LEU A 26 -13.72 8.07 -10.52
N GLN A 27 -14.72 8.87 -10.12
CA GLN A 27 -15.01 9.08 -8.70
C GLN A 27 -15.23 7.75 -7.97
N ALA A 28 -15.95 6.83 -8.61
CA ALA A 28 -16.27 5.55 -8.00
C ALA A 28 -15.03 4.68 -7.84
N ALA A 29 -14.24 4.57 -8.90
CA ALA A 29 -13.02 3.76 -8.86
C ALA A 29 -12.04 4.35 -7.88
N PHE A 30 -11.96 5.67 -7.84
CA PHE A 30 -11.04 6.33 -6.94
C PHE A 30 -11.42 6.09 -5.47
N SER A 31 -12.71 6.13 -5.18
CA SER A 31 -13.17 5.87 -3.82
C SER A 31 -12.81 4.45 -3.41
N GLN A 32 -13.03 3.49 -4.31
CA GLN A 32 -12.68 2.11 -4.02
C GLN A 32 -11.18 1.98 -3.76
N TYR A 33 -10.37 2.51 -4.68
CA TYR A 33 -8.91 2.40 -4.55
C TYR A 33 -8.34 3.11 -3.32
N LYS A 34 -9.00 4.16 -2.86
CA LYS A 34 -8.55 4.82 -1.64
C LYS A 34 -8.80 3.97 -0.40
N LYS A 35 -9.95 3.30 -0.29
CA LYS A 35 -10.20 2.40 0.82
C LYS A 35 -9.16 1.29 0.82
N VAL A 36 -8.90 0.73 -0.36
CA VAL A 36 -7.92 -0.35 -0.48
C VAL A 36 -6.54 0.13 -0.03
N GLU A 37 -6.21 1.37 -0.39
CA GLU A 37 -4.91 1.97 -0.10
C GLU A 37 -4.64 2.05 1.39
N LEU A 38 -5.66 2.42 2.15
CA LEU A 38 -5.49 2.69 3.57
C LEU A 38 -5.54 1.42 4.42
N PHE A 39 -5.83 0.30 3.80
CA PHE A 39 -5.85 -0.96 4.54
C PHE A 39 -4.54 -1.72 4.32
N PRO A 40 -3.82 -2.07 5.40
CA PRO A 40 -4.16 -1.82 6.81
C PRO A 40 -3.31 -0.73 7.48
N ASN A 41 -2.55 0.05 6.70
CA ASN A 41 -1.56 0.93 7.32
C ASN A 41 -1.91 2.40 7.33
N GLY A 42 -3.14 2.72 6.96
CA GLY A 42 -3.55 4.12 6.87
C GLY A 42 -4.85 4.41 7.59
N GLN A 43 -5.10 5.70 7.81
CA GLN A 43 -6.35 6.14 8.40
C GLN A 43 -6.63 7.53 7.89
N SER A 44 -7.85 7.77 7.44
CA SER A 44 -8.21 9.12 7.01
C SER A 44 -9.08 9.74 8.07
N VAL A 45 -8.95 11.05 8.23
CA VAL A 45 -9.78 11.80 9.16
C VAL A 45 -9.92 13.16 8.53
N GLY A 46 -11.16 13.55 8.22
CA GLY A 46 -11.38 14.76 7.47
C GLY A 46 -10.60 14.70 6.17
N GLU A 47 -9.83 15.74 5.88
CA GLU A 47 -9.07 15.79 4.64
C GLU A 47 -7.62 15.32 4.83
N LYS A 48 -7.31 14.84 6.03
CA LYS A 48 -5.96 14.38 6.37
C LYS A 48 -5.86 12.85 6.26
N ILE A 49 -4.69 12.36 5.89
CA ILE A 49 -4.45 10.92 5.80
C ILE A 49 -3.16 10.60 6.55
N PHE A 50 -3.28 9.76 7.58
CA PHE A 50 -2.13 9.18 8.25
C PHE A 50 -1.76 7.89 7.56
N LYS A 51 -0.46 7.66 7.39
CA LYS A 51 0.03 6.37 6.96
C LYS A 51 1.32 6.02 7.67
N THR A 52 1.39 4.81 8.22
CA THR A 52 2.60 4.37 8.89
C THR A 52 3.51 3.62 7.93
N ALA A 53 4.82 3.80 8.12
CA ALA A 53 5.81 3.05 7.36
C ALA A 53 5.92 1.64 7.91
N GLY A 54 5.43 1.44 9.13
CA GLY A 54 5.43 0.12 9.73
C GLY A 54 6.72 -0.29 10.43
N PHE A 55 7.66 0.64 10.57
CA PHE A 55 8.90 0.37 11.33
C PHE A 55 9.27 1.57 12.19
N VAL A 56 10.25 1.38 13.08
CA VAL A 56 10.63 2.46 13.98
C VAL A 56 11.92 3.13 13.54
N LYS A 57 12.05 4.42 13.87
CA LYS A 57 13.25 5.21 13.57
C LYS A 57 13.43 6.29 14.65
N PRO A 58 14.65 6.79 14.83
CA PRO A 58 14.81 7.98 15.69
C PRO A 58 14.13 9.16 15.02
N PHE A 59 13.85 10.21 15.80
CA PHE A 59 13.10 11.36 15.28
C PHE A 59 13.65 11.97 13.98
N THR A 60 14.94 12.27 13.93
CA THR A 60 15.49 12.94 12.76
C THR A 60 15.22 12.15 11.48
N GLU A 61 15.46 10.85 11.56
CA GLU A 61 15.25 9.94 10.43
C GLU A 61 13.79 9.84 10.03
N ALA A 62 12.92 9.72 11.03
CA ALA A 62 11.48 9.66 10.81
C ALA A 62 11.02 10.93 10.10
N GLN A 63 11.44 12.08 10.61
CA GLN A 63 11.05 13.38 10.06
C GLN A 63 11.48 13.51 8.59
N LEU A 64 12.70 13.05 8.30
CA LEU A 64 13.23 13.08 6.94
C LEU A 64 12.44 12.19 5.97
N LEU A 65 12.07 10.99 6.41
CA LEU A 65 11.27 10.08 5.61
C LEU A 65 9.95 10.72 5.20
N CYS A 66 9.32 11.39 6.16
CA CYS A 66 8.02 12.03 5.88
C CYS A 66 8.17 13.24 4.96
N THR A 67 9.11 14.13 5.25
CA THR A 67 9.26 15.32 4.40
C THR A 67 9.65 14.96 2.97
N GLN A 68 10.57 14.02 2.83
CA GLN A 68 10.97 13.56 1.49
C GLN A 68 9.83 12.90 0.71
N ALA A 69 8.86 12.34 1.44
CA ALA A 69 7.67 11.76 0.83
C ALA A 69 6.59 12.80 0.53
N GLY A 70 6.87 14.06 0.82
CA GLY A 70 5.93 15.13 0.51
C GLY A 70 4.88 15.35 1.59
N GLY A 71 5.12 14.80 2.77
CA GLY A 71 4.25 15.01 3.91
C GLY A 71 5.02 15.51 5.11
N GLN A 72 4.55 15.16 6.30
CA GLN A 72 5.26 15.49 7.53
C GLN A 72 4.88 14.49 8.60
N LEU A 73 5.56 14.50 9.73
CA LEU A 73 5.22 13.57 10.80
C LEU A 73 3.81 13.84 11.32
N ALA A 74 3.16 12.81 11.86
CA ALA A 74 1.81 12.92 12.40
C ALA A 74 1.68 14.13 13.32
N SER A 75 0.69 14.97 13.02
CA SER A 75 0.46 16.21 13.75
C SER A 75 -1.01 16.34 14.12
N PRO A 76 -1.48 15.52 15.08
CA PRO A 76 -2.91 15.55 15.43
C PRO A 76 -3.32 16.91 15.98
N ARG A 77 -4.34 17.53 15.39
CA ARG A 77 -4.75 18.87 15.77
C ARG A 77 -6.10 18.93 16.45
N SER A 78 -6.68 17.76 16.73
CA SER A 78 -7.97 17.67 17.36
C SER A 78 -8.09 16.31 17.99
N ALA A 79 -9.10 16.12 18.83
CA ALA A 79 -9.33 14.82 19.43
C ALA A 79 -9.69 13.79 18.36
N ALA A 80 -10.37 14.21 17.29
CA ALA A 80 -10.73 13.28 16.22
C ALA A 80 -9.48 12.79 15.49
N GLU A 81 -8.55 13.70 15.20
CA GLU A 81 -7.30 13.31 14.56
C GLU A 81 -6.46 12.39 15.46
N ASN A 82 -6.48 12.69 16.76
CA ASN A 82 -5.69 11.90 17.68
C ASN A 82 -6.18 10.47 17.75
N ALA A 83 -7.49 10.30 17.77
CA ALA A 83 -8.11 8.98 17.83
C ALA A 83 -7.80 8.18 16.57
N ALA A 84 -7.80 8.85 15.42
CA ALA A 84 -7.48 8.20 14.15
C ALA A 84 -6.04 7.71 14.19
N LEU A 85 -5.13 8.60 14.58
CA LEU A 85 -3.73 8.22 14.75
C LEU A 85 -3.58 7.07 15.78
N GLN A 86 -4.27 7.16 16.90
CA GLN A 86 -4.23 6.10 17.91
C GLN A 86 -4.52 4.70 17.32
N GLN A 87 -5.46 4.62 16.38
CA GLN A 87 -5.77 3.35 15.72
C GLN A 87 -4.54 2.66 15.09
N LEU A 88 -3.70 3.43 14.41
CA LEU A 88 -2.50 2.85 13.80
C LEU A 88 -1.49 2.43 14.85
N VAL A 89 -1.35 3.25 15.88
CA VAL A 89 -0.43 2.93 16.96
C VAL A 89 -0.84 1.60 17.62
N VAL A 90 -2.14 1.48 17.91
CA VAL A 90 -2.69 0.27 18.50
C VAL A 90 -2.51 -0.92 17.55
N ALA A 91 -2.80 -0.69 16.27
CA ALA A 91 -2.67 -1.77 15.29
C ALA A 91 -1.26 -2.30 15.24
N LYS A 92 -0.27 -1.41 15.31
CA LYS A 92 1.12 -1.84 15.21
C LYS A 92 1.72 -2.18 16.58
N ASN A 93 1.01 -1.82 17.64
CA ASN A 93 1.50 -2.02 19.00
C ASN A 93 2.87 -1.37 19.18
N GLU A 94 3.03 -0.17 18.64
CA GLU A 94 4.27 0.58 18.78
C GLU A 94 3.94 2.06 18.93
N ALA A 95 4.42 2.68 20.01
CA ALA A 95 4.26 4.12 20.19
C ALA A 95 4.92 4.84 19.02
N ALA A 96 4.35 5.98 18.60
CA ALA A 96 4.86 6.70 17.45
C ALA A 96 5.32 8.10 17.83
N PHE A 97 6.23 8.68 17.04
CA PHE A 97 6.59 10.10 17.19
C PHE A 97 5.52 10.99 16.58
N LEU A 98 5.27 12.13 17.23
CA LEU A 98 4.55 13.23 16.58
C LEU A 98 5.59 14.17 15.96
N SER A 99 5.13 15.19 15.24
CA SER A 99 6.04 16.11 14.57
C SER A 99 6.60 17.17 15.50
N MET A 100 5.95 17.36 16.65
CA MET A 100 6.17 18.56 17.46
C MET A 100 7.31 18.44 18.46
N THR A 101 8.04 19.54 18.64
CA THR A 101 9.20 19.56 19.54
C THR A 101 9.27 20.87 20.29
N ASP A 102 9.95 20.89 21.42
CA ASP A 102 10.27 22.16 22.08
C ASP A 102 11.78 22.38 22.04
N SER A 103 12.39 22.09 20.90
CA SER A 103 13.84 22.22 20.73
C SER A 103 14.29 23.68 20.72
N LYS A 104 13.43 24.57 20.25
CA LYS A 104 13.80 25.97 20.13
C LYS A 104 13.75 26.66 21.49
N THR A 105 12.61 26.57 22.15
CA THR A 105 12.45 27.13 23.48
C THR A 105 11.91 26.06 24.41
N GLU A 106 12.74 25.60 25.33
CA GLU A 106 12.35 24.52 26.24
C GLU A 106 11.01 24.82 26.89
N GLY A 107 10.11 23.84 26.86
CA GLY A 107 8.80 23.99 27.46
C GLY A 107 7.72 24.44 26.49
N LYS A 108 8.11 24.92 25.31
CA LYS A 108 7.12 25.38 24.35
C LYS A 108 7.10 24.53 23.09
N PHE A 109 6.14 23.62 23.00
CA PHE A 109 6.06 22.72 21.86
C PHE A 109 5.43 23.37 20.64
N THR A 110 6.05 23.18 19.48
CA THR A 110 5.57 23.79 18.26
C THR A 110 5.52 22.77 17.13
N TYR A 111 4.66 23.06 16.16
CA TYR A 111 4.64 22.31 14.90
C TYR A 111 5.87 22.69 14.08
N PRO A 112 6.18 21.90 13.04
CA PRO A 112 7.30 22.16 12.14
C PRO A 112 7.31 23.58 11.59
N THR A 113 6.14 24.22 11.49
CA THR A 113 6.06 25.59 10.99
C THR A 113 6.50 26.61 12.03
N GLY A 114 6.50 26.22 13.31
CA GLY A 114 6.91 27.12 14.36
C GLY A 114 5.72 27.60 15.18
N GLU A 115 4.52 27.23 14.74
CA GLU A 115 3.29 27.61 15.43
C GLU A 115 3.09 26.80 16.71
N SER A 116 2.55 27.45 17.75
CA SER A 116 2.26 26.80 19.02
C SER A 116 1.13 25.78 18.90
N LEU A 117 1.11 24.78 19.79
CA LEU A 117 0.07 23.73 19.74
C LEU A 117 -1.34 24.27 19.89
N VAL A 118 -2.28 23.74 19.09
CA VAL A 118 -3.69 24.11 19.21
C VAL A 118 -4.50 22.97 19.83
N TYR A 119 -3.81 21.87 20.11
CA TYR A 119 -4.40 20.69 20.73
C TYR A 119 -3.28 19.92 21.42
N SER A 120 -3.59 19.29 22.55
CA SER A 120 -2.63 18.40 23.21
C SER A 120 -3.40 17.32 23.95
N ASN A 121 -2.75 16.18 24.18
CA ASN A 121 -3.36 15.08 24.94
C ASN A 121 -2.31 14.47 25.88
N TRP A 122 -1.63 15.31 26.65
CA TRP A 122 -0.56 14.85 27.55
C TRP A 122 -1.05 13.84 28.58
N ALA A 123 -0.25 12.79 28.80
CA ALA A 123 -0.49 11.88 29.91
C ALA A 123 -0.27 12.63 31.23
N PRO A 124 -0.90 12.18 32.32
CA PRO A 124 -0.70 12.85 33.61
C PRO A 124 0.77 12.98 33.96
N GLY A 125 1.20 14.17 34.38
CA GLY A 125 2.58 14.41 34.72
C GLY A 125 3.42 14.89 33.57
N GLU A 126 2.89 14.80 32.35
CA GLU A 126 3.66 15.20 31.17
C GLU A 126 3.20 16.56 30.64
N PRO A 127 4.08 17.27 29.93
CA PRO A 127 5.47 16.87 29.63
C PRO A 127 6.37 17.22 30.81
N ASN A 128 7.42 16.44 31.07
CA ASN A 128 8.25 16.66 32.24
C ASN A 128 9.75 16.88 31.98
N ASP A 129 10.14 16.84 30.71
CA ASP A 129 11.54 17.04 30.31
C ASP A 129 12.49 16.17 31.15
N ASP A 130 12.23 14.87 31.18
CA ASP A 130 13.00 13.99 32.05
C ASP A 130 14.48 14.03 31.71
N GLY A 131 15.32 14.02 32.74
CA GLY A 131 16.75 14.11 32.54
C GLY A 131 17.20 15.44 31.96
N GLY A 132 16.28 16.37 31.84
CA GLY A 132 16.58 17.66 31.24
C GLY A 132 16.82 17.58 29.73
N SER A 133 16.29 16.54 29.10
CA SER A 133 16.53 16.31 27.69
C SER A 133 15.42 15.50 26.99
N GLU A 134 14.18 15.97 27.07
CA GLU A 134 13.10 15.37 26.29
C GLU A 134 12.40 16.41 25.43
N ASP A 135 12.78 16.47 24.16
CA ASP A 135 12.27 17.51 23.26
C ASP A 135 11.34 17.03 22.14
N CYS A 136 11.16 15.71 22.02
CA CYS A 136 10.20 15.18 21.06
C CYS A 136 8.96 14.65 21.77
N VAL A 137 7.97 14.20 21.01
CA VAL A 137 6.72 13.71 21.57
C VAL A 137 6.34 12.36 20.99
N GLU A 138 6.01 11.42 21.87
CA GLU A 138 5.49 10.13 21.47
C GLU A 138 4.02 10.02 21.87
N ILE A 139 3.24 9.29 21.07
CA ILE A 139 1.88 8.96 21.43
C ILE A 139 1.77 7.46 21.71
N PHE A 140 1.20 7.12 22.86
CA PHE A 140 1.07 5.73 23.30
C PHE A 140 -0.12 5.00 22.67
N THR A 141 -0.22 3.69 22.90
CA THR A 141 -1.37 2.94 22.42
C THR A 141 -2.68 3.42 23.04
N ASN A 142 -2.61 4.08 24.19
CA ASN A 142 -3.81 4.66 24.80
C ASN A 142 -4.12 6.06 24.29
N GLY A 143 -3.32 6.55 23.35
CA GLY A 143 -3.57 7.81 22.70
C GLY A 143 -3.04 9.02 23.46
N LYS A 144 -2.54 8.81 24.67
CA LYS A 144 -1.96 9.90 25.47
C LYS A 144 -0.52 10.24 25.01
N TRP A 145 -0.08 11.45 25.32
CA TRP A 145 1.23 11.93 24.87
C TRP A 145 2.30 11.97 25.97
N ASN A 146 3.55 11.80 25.56
CA ASN A 146 4.67 11.88 26.48
C ASN A 146 5.87 12.48 25.78
N ASP A 147 6.49 13.50 26.38
CA ASP A 147 7.74 14.01 25.80
C ASP A 147 8.82 12.95 26.00
N ARG A 148 9.65 12.76 24.99
CA ARG A 148 10.68 11.72 25.04
C ARG A 148 11.90 12.19 24.27
N ALA A 149 13.06 11.68 24.63
CA ALA A 149 14.29 12.02 23.93
C ALA A 149 14.16 11.72 22.43
N CYS A 150 14.64 12.64 21.61
CA CYS A 150 14.52 12.53 20.16
C CYS A 150 15.34 11.38 19.57
N GLY A 151 16.34 10.93 20.31
CA GLY A 151 17.20 9.86 19.85
C GLY A 151 16.60 8.47 19.98
N GLU A 152 15.49 8.37 20.69
CA GLU A 152 14.81 7.09 20.85
C GLU A 152 14.15 6.70 19.53
N LYS A 153 13.88 5.41 19.34
CA LYS A 153 13.26 4.95 18.11
C LYS A 153 11.77 4.70 18.31
N ARG A 154 10.96 5.25 17.42
CA ARG A 154 9.52 5.11 17.53
C ARG A 154 8.88 4.86 16.17
N LEU A 155 7.64 4.37 16.17
CA LEU A 155 6.94 4.07 14.93
C LEU A 155 6.90 5.34 14.05
N VAL A 156 7.17 5.18 12.76
CA VAL A 156 7.06 6.30 11.81
C VAL A 156 5.66 6.38 11.20
N VAL A 157 4.99 7.49 11.45
CA VAL A 157 3.69 7.74 10.87
C VAL A 157 3.70 9.12 10.26
N CYS A 158 3.42 9.18 8.97
CA CYS A 158 3.39 10.46 8.27
C CYS A 158 1.95 10.87 8.04
N GLU A 159 1.73 12.16 7.84
CA GLU A 159 0.44 12.65 7.42
C GLU A 159 0.57 13.35 6.07
N PHE A 160 -0.51 13.26 5.29
CA PHE A 160 -0.56 13.80 3.94
C PHE A 160 -1.87 14.53 3.76
N ALA B 10 -20.80 28.58 -26.95
CA ALA B 10 -19.57 29.31 -27.24
C ALA B 10 -18.45 28.96 -26.25
N SER B 11 -18.28 29.80 -25.24
CA SER B 11 -17.25 29.60 -24.23
C SER B 11 -17.51 28.33 -23.42
N LEU B 12 -18.78 27.94 -23.34
CA LEU B 12 -19.15 26.70 -22.65
C LEU B 12 -18.59 25.48 -23.37
N ARG B 13 -18.57 25.53 -24.70
CA ARG B 13 -18.01 24.43 -25.49
C ARG B 13 -16.53 24.25 -25.17
N GLN B 14 -15.79 25.36 -25.10
CA GLN B 14 -14.36 25.28 -24.81
C GLN B 14 -14.10 24.72 -23.41
N GLN B 15 -14.91 25.14 -22.44
CA GLN B 15 -14.76 24.66 -21.07
C GLN B 15 -14.89 23.15 -21.01
N VAL B 16 -15.92 22.61 -21.66
CA VAL B 16 -16.16 21.18 -21.67
C VAL B 16 -14.98 20.43 -22.29
N GLU B 17 -14.42 21.01 -23.35
CA GLU B 17 -13.27 20.39 -24.02
C GLU B 17 -12.03 20.41 -23.14
N ALA B 18 -11.86 21.48 -22.36
CA ALA B 18 -10.72 21.58 -21.45
C ALA B 18 -10.84 20.55 -20.33
N LEU B 19 -12.05 20.37 -19.81
CA LEU B 19 -12.30 19.36 -18.79
C LEU B 19 -12.00 17.96 -19.33
N GLN B 20 -12.45 17.69 -20.55
CA GLN B 20 -12.19 16.39 -21.17
C GLN B 20 -10.71 16.04 -21.14
N GLY B 21 -9.86 17.03 -21.41
CA GLY B 21 -8.42 16.83 -21.38
C GLY B 21 -7.88 16.58 -19.98
N GLN B 22 -8.41 17.29 -19.00
CA GLN B 22 -8.01 17.06 -17.62
C GLN B 22 -8.45 15.67 -17.17
N VAL B 23 -9.65 15.27 -17.59
CA VAL B 23 -10.17 13.96 -17.25
C VAL B 23 -9.34 12.84 -17.86
N GLN B 24 -9.01 12.98 -19.14
CA GLN B 24 -8.12 12.03 -19.81
C GLN B 24 -6.80 11.87 -19.07
N HIS B 25 -6.25 12.99 -18.59
CA HIS B 25 -4.98 12.93 -17.88
C HIS B 25 -5.12 12.12 -16.59
N LEU B 26 -6.17 12.40 -15.83
CA LEU B 26 -6.43 11.67 -14.59
C LEU B 26 -6.64 10.19 -14.86
N GLN B 27 -7.43 9.89 -15.87
CA GLN B 27 -7.73 8.50 -16.17
C GLN B 27 -6.46 7.70 -16.44
N ALA B 28 -5.60 8.23 -17.31
CA ALA B 28 -4.34 7.56 -17.63
C ALA B 28 -3.44 7.43 -16.41
N ALA B 29 -3.25 8.52 -15.68
CA ALA B 29 -2.40 8.53 -14.50
C ALA B 29 -2.90 7.53 -13.47
N PHE B 30 -4.21 7.51 -13.25
CA PHE B 30 -4.82 6.60 -12.28
C PHE B 30 -4.71 5.14 -12.69
N SER B 31 -4.81 4.88 -13.99
CA SER B 31 -4.68 3.52 -14.50
C SER B 31 -3.35 2.91 -14.09
N GLN B 32 -2.29 3.72 -14.12
CA GLN B 32 -0.96 3.26 -13.72
C GLN B 32 -0.90 2.97 -12.21
N TYR B 33 -1.44 3.91 -11.42
CA TYR B 33 -1.44 3.75 -9.96
C TYR B 33 -2.27 2.56 -9.46
N LYS B 34 -3.29 2.14 -10.21
CA LYS B 34 -4.06 0.98 -9.80
C LYS B 34 -3.15 -0.26 -9.76
N LYS B 35 -2.30 -0.43 -10.77
CA LYS B 35 -1.38 -1.56 -10.80
C LYS B 35 -0.37 -1.48 -9.67
N VAL B 36 0.18 -0.29 -9.46
CA VAL B 36 1.20 -0.06 -8.44
C VAL B 36 0.63 -0.39 -7.06
N GLU B 37 -0.59 0.06 -6.83
CA GLU B 37 -1.23 -0.11 -5.54
C GLU B 37 -1.50 -1.57 -5.24
N LEU B 38 -1.97 -2.32 -6.22
CA LEU B 38 -2.33 -3.72 -5.99
C LEU B 38 -1.11 -4.64 -5.88
N PHE B 39 0.07 -4.11 -6.14
CA PHE B 39 1.29 -4.89 -5.98
C PHE B 39 1.87 -4.62 -4.60
N PRO B 40 2.15 -5.68 -3.81
CA PRO B 40 2.01 -7.11 -4.10
C PRO B 40 0.89 -7.81 -3.34
N ASN B 41 0.03 -7.03 -2.67
CA ASN B 41 -0.93 -7.60 -1.74
C ASN B 41 -2.38 -7.52 -2.16
N GLY B 42 -2.63 -7.09 -3.40
CA GLY B 42 -3.97 -6.95 -3.89
C GLY B 42 -4.25 -7.84 -5.09
N GLN B 43 -5.53 -8.06 -5.36
CA GLN B 43 -5.94 -8.86 -6.49
C GLN B 43 -7.29 -8.36 -6.96
N SER B 44 -7.35 -7.91 -8.21
CA SER B 44 -8.58 -7.39 -8.79
C SER B 44 -9.32 -8.49 -9.53
N VAL B 45 -10.64 -8.57 -9.37
CA VAL B 45 -11.43 -9.52 -10.14
C VAL B 45 -12.82 -8.94 -10.37
N GLY B 46 -13.17 -8.76 -11.64
CA GLY B 46 -14.41 -8.07 -11.96
C GLY B 46 -14.35 -6.68 -11.33
N GLU B 47 -15.34 -6.34 -10.53
CA GLU B 47 -15.35 -5.05 -9.83
C GLU B 47 -14.96 -5.16 -8.36
N LYS B 48 -14.51 -6.34 -7.95
CA LYS B 48 -14.10 -6.59 -6.57
C LYS B 48 -12.58 -6.53 -6.43
N ILE B 49 -12.10 -6.06 -5.27
CA ILE B 49 -10.67 -6.10 -4.99
C ILE B 49 -10.43 -6.79 -3.64
N PHE B 50 -9.61 -7.84 -3.68
CA PHE B 50 -9.12 -8.49 -2.46
C PHE B 50 -7.79 -7.84 -2.08
N LYS B 51 -7.60 -7.60 -0.78
CA LYS B 51 -6.29 -7.17 -0.30
C LYS B 51 -5.99 -7.82 1.03
N THR B 52 -4.78 -8.37 1.17
CA THR B 52 -4.37 -9.01 2.39
C THR B 52 -3.66 -8.01 3.29
N ALA B 53 -3.89 -8.14 4.60
CA ALA B 53 -3.19 -7.33 5.57
C ALA B 53 -1.78 -7.87 5.74
N GLY B 54 -1.55 -9.09 5.27
CA GLY B 54 -0.23 -9.68 5.33
C GLY B 54 0.09 -10.38 6.65
N PHE B 55 -0.86 -10.45 7.57
CA PHE B 55 -0.65 -11.19 8.81
C PHE B 55 -1.88 -12.00 9.17
N VAL B 56 -1.76 -12.82 10.22
CA VAL B 56 -2.86 -13.70 10.65
C VAL B 56 -3.55 -13.18 11.90
N LYS B 57 -4.84 -13.49 12.03
CA LYS B 57 -5.64 -13.13 13.20
C LYS B 57 -6.78 -14.14 13.36
N PRO B 58 -7.35 -14.26 14.57
CA PRO B 58 -8.56 -15.07 14.76
C PRO B 58 -9.73 -14.39 14.05
N PHE B 59 -10.78 -15.16 13.77
CA PHE B 59 -11.87 -14.66 12.94
C PHE B 59 -12.46 -13.35 13.43
N THR B 60 -12.72 -13.24 14.72
CA THR B 60 -13.37 -12.05 15.24
C THR B 60 -12.52 -10.81 14.97
N GLU B 61 -11.21 -10.91 15.19
CA GLU B 61 -10.33 -9.77 14.99
C GLU B 61 -10.21 -9.42 13.51
N ALA B 62 -10.15 -10.47 12.69
CA ALA B 62 -10.05 -10.32 11.24
C ALA B 62 -11.26 -9.62 10.67
N GLN B 63 -12.43 -10.04 11.11
CA GLN B 63 -13.68 -9.46 10.66
C GLN B 63 -13.78 -7.97 11.00
N LEU B 64 -13.38 -7.62 12.21
CA LEU B 64 -13.40 -6.23 12.65
C LEU B 64 -12.45 -5.36 11.83
N LEU B 65 -11.27 -5.89 11.51
CA LEU B 65 -10.32 -5.13 10.71
C LEU B 65 -10.90 -4.74 9.35
N CYS B 66 -11.53 -5.70 8.69
CA CYS B 66 -12.09 -5.46 7.38
C CYS B 66 -13.24 -4.46 7.47
N THR B 67 -14.15 -4.67 8.42
CA THR B 67 -15.33 -3.83 8.49
C THR B 67 -14.95 -2.40 8.82
N GLN B 68 -14.04 -2.23 9.77
CA GLN B 68 -13.58 -0.89 10.14
C GLN B 68 -12.81 -0.20 9.01
N ALA B 69 -12.21 -0.98 8.12
CA ALA B 69 -11.56 -0.44 6.93
C ALA B 69 -12.57 -0.14 5.81
N GLY B 70 -13.84 -0.40 6.06
CA GLY B 70 -14.87 -0.08 5.07
C GLY B 70 -15.14 -1.22 4.11
N GLY B 71 -14.60 -2.39 4.41
CA GLY B 71 -14.87 -3.57 3.60
C GLY B 71 -15.47 -4.70 4.42
N GLN B 72 -15.13 -5.93 4.04
CA GLN B 72 -15.54 -7.13 4.79
C GLN B 72 -14.57 -8.25 4.44
N LEU B 73 -14.64 -9.36 5.17
CA LEU B 73 -13.75 -10.48 4.91
C LEU B 73 -14.02 -11.04 3.53
N ALA B 74 -12.96 -11.57 2.91
CA ALA B 74 -13.05 -12.14 1.58
C ALA B 74 -14.30 -13.02 1.46
N SER B 75 -15.15 -12.73 0.47
CA SER B 75 -16.39 -13.48 0.26
C SER B 75 -16.55 -13.88 -1.21
N PRO B 76 -15.80 -14.89 -1.67
CA PRO B 76 -15.88 -15.24 -3.10
C PRO B 76 -17.27 -15.71 -3.49
N ARG B 77 -17.87 -15.09 -4.51
CA ARG B 77 -19.23 -15.47 -4.92
C ARG B 77 -19.28 -16.18 -6.26
N SER B 78 -18.12 -16.58 -6.76
CA SER B 78 -18.08 -17.28 -8.04
C SER B 78 -16.75 -18.00 -8.13
N ALA B 79 -16.62 -18.94 -9.05
CA ALA B 79 -15.35 -19.64 -9.24
C ALA B 79 -14.23 -18.68 -9.63
N ALA B 80 -14.57 -17.68 -10.42
CA ALA B 80 -13.62 -16.65 -10.83
C ALA B 80 -13.09 -15.88 -9.63
N GLU B 81 -13.98 -15.45 -8.74
CA GLU B 81 -13.54 -14.73 -7.54
C GLU B 81 -12.71 -15.65 -6.66
N ASN B 82 -13.13 -16.91 -6.54
CA ASN B 82 -12.42 -17.84 -5.68
C ASN B 82 -11.02 -18.09 -6.21
N ALA B 83 -10.88 -18.15 -7.53
CA ALA B 83 -9.56 -18.31 -8.14
C ALA B 83 -8.67 -17.10 -7.93
N ALA B 84 -9.27 -15.90 -7.94
CA ALA B 84 -8.48 -14.70 -7.72
C ALA B 84 -7.98 -14.67 -6.29
N LEU B 85 -8.88 -15.00 -5.35
CA LEU B 85 -8.49 -15.04 -3.94
C LEU B 85 -7.40 -16.07 -3.75
N GLN B 86 -7.54 -17.21 -4.42
CA GLN B 86 -6.56 -18.28 -4.27
C GLN B 86 -5.15 -17.80 -4.64
N GLN B 87 -5.06 -16.94 -5.66
CA GLN B 87 -3.78 -16.42 -6.13
C GLN B 87 -3.01 -15.69 -5.04
N LEU B 88 -3.72 -14.87 -4.27
CA LEU B 88 -3.16 -14.20 -3.10
C LEU B 88 -2.71 -15.17 -2.04
N VAL B 89 -3.61 -16.08 -1.68
CA VAL B 89 -3.34 -17.10 -0.68
C VAL B 89 -2.11 -17.92 -1.03
N VAL B 90 -2.00 -18.30 -2.30
CA VAL B 90 -0.84 -19.03 -2.78
C VAL B 90 0.40 -18.16 -2.63
N ALA B 91 0.33 -16.93 -3.11
CA ALA B 91 1.46 -16.01 -3.06
C ALA B 91 1.95 -15.78 -1.64
N LYS B 92 1.04 -15.71 -0.66
CA LYS B 92 1.45 -15.52 0.73
C LYS B 92 1.73 -16.85 1.42
N ASN B 93 1.40 -17.94 0.74
CA ASN B 93 1.53 -19.30 1.29
C ASN B 93 0.87 -19.49 2.66
N GLU B 94 -0.28 -18.85 2.87
CA GLU B 94 -1.03 -19.02 4.12
C GLU B 94 -2.54 -19.04 3.91
N ALA B 95 -3.19 -20.07 4.46
CA ALA B 95 -4.65 -20.15 4.40
C ALA B 95 -5.29 -18.91 5.02
N ALA B 96 -6.43 -18.52 4.47
CA ALA B 96 -7.14 -17.32 4.92
C ALA B 96 -8.57 -17.63 5.33
N PHE B 97 -9.12 -16.82 6.22
CA PHE B 97 -10.53 -16.87 6.57
C PHE B 97 -11.39 -16.28 5.46
N LEU B 98 -12.56 -16.85 5.27
CA LEU B 98 -13.60 -16.21 4.47
C LEU B 98 -14.54 -15.53 5.46
N SER B 99 -15.52 -14.81 4.94
CA SER B 99 -16.44 -14.06 5.79
C SER B 99 -17.52 -14.95 6.40
N MET B 100 -17.75 -16.11 5.78
CA MET B 100 -18.96 -16.90 6.05
C MET B 100 -18.87 -17.82 7.27
N THR B 101 -19.98 -17.93 8.00
CA THR B 101 -20.07 -18.80 9.17
C THR B 101 -21.42 -19.49 9.27
N ASP B 102 -21.47 -20.59 10.01
CA ASP B 102 -22.77 -21.17 10.38
C ASP B 102 -22.95 -21.01 11.88
N SER B 103 -22.54 -19.87 12.41
CA SER B 103 -22.64 -19.59 13.84
C SER B 103 -24.09 -19.46 14.32
N LYS B 104 -24.97 -18.96 13.45
CA LYS B 104 -26.35 -18.74 13.83
C LYS B 104 -27.12 -20.06 13.88
N THR B 105 -27.07 -20.79 12.78
CA THR B 105 -27.72 -22.09 12.71
C THR B 105 -26.72 -23.12 12.19
N GLU B 106 -26.34 -24.06 13.04
CA GLU B 106 -25.35 -25.08 12.67
C GLU B 106 -25.72 -25.72 11.33
N GLY B 107 -24.77 -25.73 10.41
CA GLY B 107 -24.95 -26.38 9.12
C GLY B 107 -25.40 -25.43 8.03
N LYS B 108 -25.79 -24.22 8.41
CA LYS B 108 -26.27 -23.23 7.48
C LYS B 108 -25.28 -22.07 7.39
N PHE B 109 -24.46 -22.08 6.34
CA PHE B 109 -23.49 -21.03 6.18
C PHE B 109 -24.08 -19.81 5.51
N THR B 110 -23.77 -18.63 6.04
CA THR B 110 -24.28 -17.40 5.49
C THR B 110 -23.20 -16.33 5.43
N TYR B 111 -23.41 -15.36 4.56
CA TYR B 111 -22.58 -14.17 4.50
C TYR B 111 -22.90 -13.28 5.70
N PRO B 112 -22.05 -12.27 5.97
CA PRO B 112 -22.34 -11.33 7.05
C PRO B 112 -23.73 -10.71 6.89
N THR B 113 -24.21 -10.55 5.66
CA THR B 113 -25.55 -10.01 5.42
C THR B 113 -26.66 -10.96 5.87
N GLY B 114 -26.34 -12.24 6.00
CA GLY B 114 -27.30 -13.22 6.48
C GLY B 114 -27.85 -14.09 5.37
N GLU B 115 -27.51 -13.76 4.15
CA GLU B 115 -27.95 -14.51 2.97
C GLU B 115 -27.15 -15.82 2.79
N SER B 116 -27.82 -16.86 2.27
CA SER B 116 -27.19 -18.16 2.03
C SER B 116 -26.14 -18.10 0.92
N LEU B 117 -25.21 -19.04 0.92
CA LEU B 117 -24.14 -19.08 -0.08
C LEU B 117 -24.66 -19.19 -1.51
N VAL B 118 -24.08 -18.43 -2.44
CA VAL B 118 -24.45 -18.54 -3.85
C VAL B 118 -23.36 -19.33 -4.58
N TYR B 119 -22.26 -19.60 -3.88
CA TYR B 119 -21.14 -20.36 -4.42
C TYR B 119 -20.40 -20.99 -3.25
N SER B 120 -19.85 -22.18 -3.46
CA SER B 120 -18.96 -22.81 -2.48
C SER B 120 -17.92 -23.68 -3.18
N ASN B 121 -16.77 -23.90 -2.54
CA ASN B 121 -15.75 -24.80 -3.08
C ASN B 121 -15.21 -25.73 -2.00
N TRP B 122 -16.11 -26.40 -1.31
CA TRP B 122 -15.76 -27.33 -0.22
C TRP B 122 -14.84 -28.46 -0.64
N ALA B 123 -13.79 -28.69 0.15
CA ALA B 123 -13.01 -29.90 -0.03
C ALA B 123 -13.93 -31.09 0.25
N PRO B 124 -13.61 -32.25 -0.30
CA PRO B 124 -14.46 -33.43 -0.10
C PRO B 124 -14.67 -33.71 1.39
N GLY B 125 -15.93 -33.91 1.77
CA GLY B 125 -16.26 -34.24 3.15
C GLY B 125 -16.53 -33.01 4.00
N GLU B 126 -16.21 -31.82 3.47
CA GLU B 126 -16.45 -30.60 4.24
C GLU B 126 -17.75 -29.97 3.79
N PRO B 127 -18.39 -29.19 4.66
CA PRO B 127 -17.95 -28.93 6.03
C PRO B 127 -18.34 -30.10 6.95
N ASN B 128 -17.54 -30.36 7.98
CA ASN B 128 -17.76 -31.53 8.83
C ASN B 128 -17.86 -31.19 10.32
N ASP B 129 -17.76 -29.91 10.64
CA ASP B 129 -17.96 -29.45 12.01
C ASP B 129 -17.18 -30.35 12.96
N ASP B 130 -15.90 -30.54 12.66
CA ASP B 130 -15.03 -31.40 13.43
C ASP B 130 -15.05 -31.04 14.91
N GLY B 131 -15.16 -32.05 15.77
CA GLY B 131 -15.20 -31.84 17.20
C GLY B 131 -16.44 -31.10 17.65
N GLY B 132 -17.40 -30.95 16.74
CA GLY B 132 -18.61 -30.18 17.00
C GLY B 132 -18.38 -28.70 17.20
N SER B 133 -17.31 -28.16 16.62
CA SER B 133 -16.92 -26.78 16.91
C SER B 133 -16.16 -26.11 15.77
N GLU B 134 -16.68 -26.22 14.56
CA GLU B 134 -16.06 -25.52 13.42
C GLU B 134 -17.12 -24.67 12.72
N ASP B 135 -17.13 -23.38 12.99
CA ASP B 135 -18.17 -22.51 12.46
C ASP B 135 -17.67 -21.46 11.47
N CYS B 136 -16.36 -21.38 11.29
CA CYS B 136 -15.78 -20.47 10.31
C CYS B 136 -15.25 -21.27 9.12
N VAL B 137 -14.72 -20.56 8.13
CA VAL B 137 -14.30 -21.19 6.88
C VAL B 137 -12.94 -20.65 6.45
N GLU B 138 -12.03 -21.56 6.12
CA GLU B 138 -10.72 -21.20 5.61
C GLU B 138 -10.61 -21.66 4.15
N ILE B 139 -9.86 -20.91 3.36
CA ILE B 139 -9.55 -21.32 2.00
C ILE B 139 -8.08 -21.73 1.98
N PHE B 140 -7.80 -22.90 1.41
CA PHE B 140 -6.43 -23.43 1.31
C PHE B 140 -5.67 -22.86 0.11
N THR B 141 -4.37 -23.15 0.01
CA THR B 141 -3.61 -22.74 -1.16
C THR B 141 -4.09 -23.44 -2.44
N ASN B 142 -4.79 -24.56 -2.29
CA ASN B 142 -5.35 -25.23 -3.47
C ASN B 142 -6.73 -24.69 -3.82
N GLY B 143 -7.18 -23.67 -3.10
CA GLY B 143 -8.44 -23.01 -3.41
C GLY B 143 -9.66 -23.65 -2.78
N LYS B 144 -9.48 -24.83 -2.18
CA LYS B 144 -10.61 -25.53 -1.56
C LYS B 144 -10.96 -24.96 -0.19
N TRP B 145 -12.21 -25.13 0.24
CA TRP B 145 -12.69 -24.64 1.53
C TRP B 145 -12.81 -25.75 2.58
N ASN B 146 -12.65 -25.35 3.85
CA ASN B 146 -12.78 -26.24 4.99
C ASN B 146 -13.34 -25.46 6.16
N ASP B 147 -14.37 -25.98 6.84
CA ASP B 147 -14.85 -25.30 8.03
C ASP B 147 -13.83 -25.50 9.13
N ARG B 148 -13.69 -24.49 9.97
CA ARG B 148 -12.61 -24.50 10.95
C ARG B 148 -12.99 -23.67 12.16
N ALA B 149 -12.39 -24.00 13.30
CA ALA B 149 -12.63 -23.25 14.52
C ALA B 149 -12.30 -21.78 14.30
N CYS B 150 -13.21 -20.92 14.74
CA CYS B 150 -13.07 -19.48 14.59
C CYS B 150 -11.93 -18.91 15.42
N GLY B 151 -11.48 -19.68 16.42
CA GLY B 151 -10.40 -19.23 17.30
C GLY B 151 -9.01 -19.39 16.69
N GLU B 152 -8.91 -20.18 15.62
CA GLU B 152 -7.65 -20.33 14.91
C GLU B 152 -7.23 -19.03 14.24
N LYS B 153 -5.95 -18.88 13.98
CA LYS B 153 -5.46 -17.67 13.33
C LYS B 153 -5.19 -17.94 11.85
N ARG B 154 -5.79 -17.12 11.00
CA ARG B 154 -5.60 -17.28 9.56
C ARG B 154 -5.29 -15.94 8.89
N LEU B 155 -4.81 -16.00 7.66
CA LEU B 155 -4.44 -14.81 6.92
C LEU B 155 -5.66 -13.92 6.76
N VAL B 156 -5.50 -12.64 7.09
CA VAL B 156 -6.56 -11.66 6.95
C VAL B 156 -6.58 -11.11 5.51
N VAL B 157 -7.66 -11.40 4.80
CA VAL B 157 -7.86 -10.89 3.46
C VAL B 157 -9.22 -10.21 3.39
N CYS B 158 -9.23 -8.92 3.06
CA CYS B 158 -10.48 -8.17 3.00
C CYS B 158 -10.89 -7.98 1.54
N GLU B 159 -12.17 -7.76 1.31
CA GLU B 159 -12.64 -7.39 -0.02
C GLU B 159 -13.25 -5.98 0.01
N PHE B 160 -13.00 -5.25 -1.06
CA PHE B 160 -13.47 -3.88 -1.21
C PHE B 160 -14.13 -3.75 -2.57
N SER C 11 -29.20 26.23 -18.12
CA SER C 11 -28.91 25.28 -17.05
C SER C 11 -27.65 24.48 -17.36
N LEU C 12 -27.27 24.44 -18.63
CA LEU C 12 -26.09 23.71 -19.06
C LEU C 12 -24.84 24.32 -18.44
N ARG C 13 -24.80 25.64 -18.36
CA ARG C 13 -23.66 26.35 -17.81
C ARG C 13 -23.51 26.07 -16.31
N GLN C 14 -24.61 25.71 -15.66
CA GLN C 14 -24.59 25.38 -14.24
C GLN C 14 -24.10 23.96 -14.01
N GLN C 15 -24.36 23.08 -14.97
CA GLN C 15 -23.90 21.70 -14.90
C GLN C 15 -22.39 21.64 -15.20
N VAL C 16 -21.94 22.47 -16.13
CA VAL C 16 -20.53 22.55 -16.46
C VAL C 16 -19.73 23.04 -15.26
N GLU C 17 -20.29 24.01 -14.53
CA GLU C 17 -19.65 24.55 -13.34
C GLU C 17 -19.48 23.48 -12.27
N ALA C 18 -20.47 22.60 -12.16
CA ALA C 18 -20.45 21.54 -11.16
C ALA C 18 -19.41 20.50 -11.55
N LEU C 19 -19.32 20.25 -12.85
CA LEU C 19 -18.35 19.33 -13.42
C LEU C 19 -16.94 19.87 -13.22
N GLN C 20 -16.79 21.19 -13.37
CA GLN C 20 -15.51 21.82 -13.12
C GLN C 20 -15.09 21.61 -11.67
N GLY C 21 -16.02 21.81 -10.74
CA GLY C 21 -15.74 21.57 -9.33
C GLY C 21 -15.32 20.14 -9.04
N GLN C 22 -16.02 19.18 -9.65
CA GLN C 22 -15.73 17.76 -9.46
C GLN C 22 -14.30 17.43 -9.89
N VAL C 23 -13.91 17.98 -11.04
CA VAL C 23 -12.59 17.69 -11.59
C VAL C 23 -11.48 18.30 -10.75
N GLN C 24 -11.68 19.53 -10.28
CA GLN C 24 -10.68 20.16 -9.42
C GLN C 24 -10.54 19.37 -8.13
N HIS C 25 -11.66 18.88 -7.61
CA HIS C 25 -11.62 18.08 -6.39
C HIS C 25 -10.87 16.76 -6.64
N LEU C 26 -11.12 16.13 -7.77
CA LEU C 26 -10.44 14.89 -8.09
C LEU C 26 -8.94 15.08 -8.26
N GLN C 27 -8.53 16.16 -8.95
CA GLN C 27 -7.11 16.43 -9.14
C GLN C 27 -6.40 16.56 -7.81
N ALA C 28 -7.03 17.29 -6.88
CA ALA C 28 -6.44 17.49 -5.56
C ALA C 28 -6.36 16.17 -4.78
N ALA C 29 -7.43 15.40 -4.82
CA ALA C 29 -7.46 14.14 -4.09
C ALA C 29 -6.48 13.12 -4.67
N PHE C 30 -6.35 13.12 -6.00
CA PHE C 30 -5.47 12.16 -6.67
C PHE C 30 -4.02 12.46 -6.34
N SER C 31 -3.69 13.75 -6.32
CA SER C 31 -2.34 14.19 -6.00
C SER C 31 -1.97 13.77 -4.57
N GLN C 32 -2.89 13.95 -3.62
CA GLN C 32 -2.65 13.50 -2.25
C GLN C 32 -2.52 11.98 -2.19
N TYR C 33 -3.36 11.29 -2.94
CA TYR C 33 -3.36 9.84 -2.93
C TYR C 33 -2.03 9.27 -3.45
N LYS C 34 -1.46 9.93 -4.45
CA LYS C 34 -0.21 9.45 -5.04
C LYS C 34 0.88 9.45 -3.99
N LYS C 35 0.94 10.51 -3.20
CA LYS C 35 1.95 10.60 -2.14
C LYS C 35 1.81 9.45 -1.15
N VAL C 36 0.56 9.19 -0.76
CA VAL C 36 0.26 8.14 0.18
C VAL C 36 0.67 6.78 -0.37
N GLU C 37 0.30 6.49 -1.62
CA GLU C 37 0.63 5.22 -2.22
C GLU C 37 2.13 5.00 -2.26
N LEU C 38 2.89 6.01 -2.68
CA LEU C 38 4.35 5.82 -2.84
C LEU C 38 5.11 5.67 -1.51
N PHE C 39 4.51 6.15 -0.42
CA PHE C 39 5.18 6.03 0.87
C PHE C 39 4.83 4.69 1.56
N PRO C 40 5.83 3.91 1.96
CA PRO C 40 7.27 4.14 1.87
C PRO C 40 7.99 3.27 0.84
N ASN C 41 7.25 2.59 -0.03
CA ASN C 41 7.85 1.55 -0.87
C ASN C 41 7.92 1.85 -2.37
N GLY C 42 7.57 3.06 -2.78
CA GLY C 42 7.62 3.42 -4.19
C GLY C 42 8.48 4.65 -4.50
N GLN C 43 8.84 4.80 -5.78
CA GLN C 43 9.56 5.97 -6.25
C GLN C 43 9.07 6.30 -7.64
N SER C 44 8.80 7.57 -7.87
CA SER C 44 8.34 8.04 -9.17
C SER C 44 9.52 8.74 -9.86
N VAL C 45 9.79 8.37 -11.10
CA VAL C 45 10.82 9.02 -11.88
C VAL C 45 10.34 9.13 -13.32
N GLY C 46 10.16 10.36 -13.80
CA GLY C 46 9.61 10.56 -15.13
C GLY C 46 8.25 9.90 -15.20
N GLU C 47 8.03 9.10 -16.24
CA GLU C 47 6.75 8.38 -16.39
C GLU C 47 6.76 7.01 -15.71
N LYS C 48 7.87 6.66 -15.06
CA LYS C 48 8.04 5.33 -14.48
C LYS C 48 7.87 5.33 -12.97
N ILE C 49 7.35 4.22 -12.44
CA ILE C 49 7.26 4.04 -11.00
C ILE C 49 7.88 2.72 -10.57
N PHE C 50 8.85 2.80 -9.66
CA PHE C 50 9.42 1.64 -9.00
C PHE C 50 8.66 1.37 -7.70
N LYS C 51 8.39 0.11 -7.41
CA LYS C 51 7.82 -0.25 -6.13
C LYS C 51 8.39 -1.58 -5.65
N THR C 52 8.87 -1.62 -4.41
CA THR C 52 9.41 -2.85 -3.83
C THR C 52 8.29 -3.66 -3.18
N ALA C 53 8.37 -4.98 -3.27
CA ALA C 53 7.44 -5.85 -2.58
C ALA C 53 7.86 -5.96 -1.12
N GLY C 54 9.06 -5.51 -0.81
CA GLY C 54 9.54 -5.51 0.56
C GLY C 54 10.13 -6.82 1.05
N PHE C 55 10.26 -7.80 0.17
CA PHE C 55 10.87 -9.09 0.55
C PHE C 55 11.77 -9.63 -0.57
N VAL C 56 12.53 -10.68 -0.25
CA VAL C 56 13.48 -11.21 -1.23
C VAL C 56 12.99 -12.49 -1.90
N LYS C 57 13.47 -12.72 -3.12
CA LYS C 57 13.16 -13.93 -3.88
C LYS C 57 14.30 -14.19 -4.87
N PRO C 58 14.41 -15.42 -5.40
CA PRO C 58 15.33 -15.72 -6.49
C PRO C 58 14.82 -15.11 -7.79
N PHE C 59 15.68 -14.94 -8.79
CA PHE C 59 15.29 -14.21 -9.99
C PHE C 59 13.98 -14.68 -10.63
N THR C 60 13.83 -15.97 -10.87
CA THR C 60 12.67 -16.45 -11.61
C THR C 60 11.34 -16.13 -10.91
N GLU C 61 11.33 -16.27 -9.59
CA GLU C 61 10.15 -15.97 -8.80
C GLU C 61 9.88 -14.45 -8.74
N ALA C 62 10.95 -13.66 -8.68
CA ALA C 62 10.81 -12.20 -8.68
C ALA C 62 10.25 -11.72 -10.00
N GLN C 63 10.76 -12.28 -11.09
CA GLN C 63 10.31 -11.90 -12.42
C GLN C 63 8.83 -12.24 -12.58
N LEU C 64 8.42 -13.36 -12.01
CA LEU C 64 7.04 -13.81 -12.13
C LEU C 64 6.11 -12.87 -11.37
N LEU C 65 6.48 -12.55 -10.13
CA LEU C 65 5.71 -11.60 -9.34
C LEU C 65 5.44 -10.29 -10.11
N CYS C 66 6.48 -9.73 -10.72
CA CYS C 66 6.32 -8.45 -11.43
C CYS C 66 5.41 -8.59 -12.64
N THR C 67 5.62 -9.62 -13.45
CA THR C 67 4.81 -9.79 -14.66
C THR C 67 3.35 -10.06 -14.34
N GLN C 68 3.10 -10.88 -13.33
CA GLN C 68 1.73 -11.20 -12.90
C GLN C 68 1.01 -9.94 -12.46
N ALA C 69 1.76 -8.99 -11.91
CA ALA C 69 1.17 -7.74 -11.42
C ALA C 69 1.02 -6.72 -12.53
N GLY C 70 1.31 -7.12 -13.76
CA GLY C 70 1.17 -6.23 -14.90
C GLY C 70 2.36 -5.30 -15.11
N GLY C 71 3.49 -5.62 -14.50
CA GLY C 71 4.70 -4.84 -14.71
C GLY C 71 5.91 -5.69 -15.06
N GLN C 72 7.10 -5.19 -14.77
CA GLN C 72 8.31 -6.01 -14.90
C GLN C 72 9.34 -5.64 -13.83
N LEU C 73 10.40 -6.44 -13.73
CA LEU C 73 11.47 -6.15 -12.78
C LEU C 73 12.11 -4.81 -13.09
N ALA C 74 12.62 -4.15 -12.06
CA ALA C 74 13.31 -2.87 -12.21
C ALA C 74 14.26 -2.89 -13.40
N SER C 75 14.09 -1.92 -14.30
CA SER C 75 14.89 -1.82 -15.51
C SER C 75 15.38 -0.40 -15.74
N PRO C 76 16.28 0.10 -14.86
CA PRO C 76 16.72 1.49 -14.93
C PRO C 76 17.43 1.77 -16.26
N ARG C 77 16.95 2.78 -16.98
CA ARG C 77 17.48 3.06 -18.32
C ARG C 77 18.22 4.38 -18.41
N SER C 78 18.50 4.97 -17.26
CA SER C 78 19.21 6.24 -17.21
C SER C 78 19.76 6.41 -15.82
N ALA C 79 20.68 7.35 -15.65
CA ALA C 79 21.20 7.70 -14.34
C ALA C 79 20.08 8.11 -13.38
N ALA C 80 19.11 8.87 -13.90
CA ALA C 80 18.00 9.35 -13.07
C ALA C 80 17.15 8.18 -12.56
N GLU C 81 16.83 7.24 -13.45
CA GLU C 81 16.08 6.06 -13.02
C GLU C 81 16.88 5.27 -11.99
N ASN C 82 18.17 5.10 -12.23
CA ASN C 82 19.00 4.32 -11.33
C ASN C 82 19.08 4.94 -9.93
N ALA C 83 19.14 6.27 -9.86
CA ALA C 83 19.19 6.95 -8.57
C ALA C 83 17.89 6.73 -7.80
N ALA C 84 16.78 6.78 -8.52
CA ALA C 84 15.47 6.59 -7.91
C ALA C 84 15.35 5.18 -7.34
N LEU C 85 15.74 4.20 -8.15
CA LEU C 85 15.74 2.81 -7.72
C LEU C 85 16.65 2.65 -6.52
N GLN C 86 17.81 3.30 -6.58
CA GLN C 86 18.76 3.23 -5.48
C GLN C 86 18.15 3.64 -4.13
N GLN C 87 17.26 4.64 -4.15
CA GLN C 87 16.57 5.06 -2.92
C GLN C 87 15.84 3.92 -2.23
N LEU C 88 15.15 3.07 -2.99
CA LEU C 88 14.42 1.96 -2.41
C LEU C 88 15.37 0.94 -1.84
N VAL C 89 16.46 0.71 -2.57
CA VAL C 89 17.46 -0.25 -2.15
C VAL C 89 18.11 0.18 -0.85
N VAL C 90 18.48 1.45 -0.76
CA VAL C 90 19.05 2.00 0.47
C VAL C 90 18.06 1.95 1.62
N ALA C 91 16.81 2.31 1.34
CA ALA C 91 15.78 2.31 2.37
C ALA C 91 15.57 0.92 2.96
N LYS C 92 15.57 -0.10 2.11
CA LYS C 92 15.41 -1.48 2.58
C LYS C 92 16.76 -2.07 3.02
N ASN C 93 17.84 -1.41 2.65
CA ASN C 93 19.17 -1.94 2.88
C ASN C 93 19.32 -3.37 2.37
N GLU C 94 18.76 -3.63 1.20
CA GLU C 94 18.81 -4.96 0.58
C GLU C 94 19.04 -4.77 -0.91
N ALA C 95 20.10 -5.39 -1.42
CA ALA C 95 20.36 -5.33 -2.86
C ALA C 95 19.19 -5.93 -3.62
N ALA C 96 18.90 -5.39 -4.80
CA ALA C 96 17.77 -5.85 -5.60
C ALA C 96 18.18 -6.42 -6.94
N PHE C 97 17.38 -7.33 -7.47
CA PHE C 97 17.54 -7.78 -8.85
C PHE C 97 17.04 -6.74 -9.85
N LEU C 98 17.76 -6.62 -10.96
CA LEU C 98 17.27 -5.89 -12.12
C LEU C 98 16.65 -6.90 -13.05
N SER C 99 16.08 -6.44 -14.15
CA SER C 99 15.39 -7.35 -15.06
C SER C 99 16.34 -8.03 -16.03
N MET C 100 17.52 -7.46 -16.21
CA MET C 100 18.39 -7.83 -17.32
C MET C 100 19.27 -9.04 -17.04
N THR C 101 19.49 -9.87 -18.07
CA THR C 101 20.29 -11.08 -17.95
C THR C 101 21.09 -11.35 -19.22
N ASP C 102 22.16 -12.13 -19.11
CA ASP C 102 22.83 -12.65 -20.30
C ASP C 102 22.67 -14.16 -20.37
N SER C 103 21.46 -14.62 -20.06
CA SER C 103 21.13 -16.03 -20.09
C SER C 103 21.21 -16.62 -21.49
N LYS C 104 20.78 -15.85 -22.50
CA LYS C 104 20.77 -16.36 -23.87
C LYS C 104 22.18 -16.44 -24.46
N THR C 105 22.91 -15.34 -24.40
CA THR C 105 24.28 -15.31 -24.89
C THR C 105 25.23 -14.73 -23.85
N GLU C 106 26.09 -15.57 -23.29
CA GLU C 106 27.04 -15.10 -22.29
C GLU C 106 27.71 -13.79 -22.72
N GLY C 107 27.78 -12.83 -21.80
CA GLY C 107 28.47 -11.58 -22.06
C GLY C 107 27.63 -10.51 -22.74
N LYS C 108 26.41 -10.86 -23.13
CA LYS C 108 25.52 -9.91 -23.77
C LYS C 108 24.22 -9.76 -22.98
N PHE C 109 24.16 -8.74 -22.13
CA PHE C 109 22.99 -8.53 -21.28
C PHE C 109 21.85 -7.85 -22.03
N THR C 110 20.64 -8.33 -21.80
CA THR C 110 19.47 -7.84 -22.51
C THR C 110 18.27 -7.64 -21.59
N TYR C 111 17.35 -6.78 -22.02
CA TYR C 111 16.09 -6.57 -21.31
C TYR C 111 15.15 -7.73 -21.58
N PRO C 112 14.06 -7.82 -20.81
CA PRO C 112 13.08 -8.90 -21.03
C PRO C 112 12.51 -8.91 -22.45
N THR C 113 12.49 -7.77 -23.12
CA THR C 113 12.01 -7.73 -24.50
C THR C 113 12.99 -8.46 -25.41
N GLY C 114 14.28 -8.26 -25.16
CA GLY C 114 15.31 -8.94 -25.93
C GLY C 114 16.38 -7.99 -26.42
N GLU C 115 16.10 -6.69 -26.33
CA GLU C 115 17.05 -5.68 -26.77
C GLU C 115 18.22 -5.54 -25.81
N SER C 116 19.36 -5.08 -26.34
CA SER C 116 20.58 -4.89 -25.55
C SER C 116 20.49 -3.66 -24.66
N LEU C 117 21.28 -3.62 -23.59
CA LEU C 117 21.29 -2.49 -22.66
C LEU C 117 21.57 -1.18 -23.38
N VAL C 118 20.94 -0.10 -22.92
CA VAL C 118 21.14 1.24 -23.46
C VAL C 118 21.70 2.16 -22.38
N TYR C 119 21.85 1.60 -21.18
CA TYR C 119 22.50 2.27 -20.06
C TYR C 119 23.00 1.17 -19.13
N SER C 120 24.13 1.42 -18.47
CA SER C 120 24.64 0.49 -17.46
C SER C 120 25.39 1.26 -16.38
N ASN C 121 25.49 0.65 -15.20
CA ASN C 121 26.19 1.26 -14.06
C ASN C 121 27.02 0.23 -13.29
N TRP C 122 27.77 -0.59 -14.03
CA TRP C 122 28.56 -1.68 -13.44
C TRP C 122 29.58 -1.21 -12.40
N ALA C 123 29.70 -1.96 -11.31
CA ALA C 123 30.78 -1.74 -10.36
C ALA C 123 32.12 -2.08 -11.03
N PRO C 124 33.22 -1.56 -10.48
CA PRO C 124 34.51 -1.82 -11.12
C PRO C 124 34.77 -3.32 -11.31
N GLY C 125 35.14 -3.72 -12.52
CA GLY C 125 35.50 -5.11 -12.79
C GLY C 125 34.33 -5.99 -13.21
N GLU C 126 33.11 -5.45 -13.11
CA GLU C 126 31.92 -6.20 -13.47
C GLU C 126 31.44 -5.81 -14.87
N PRO C 127 30.67 -6.70 -15.54
CA PRO C 127 30.28 -8.04 -15.11
C PRO C 127 31.44 -9.02 -15.27
N ASN C 128 31.58 -10.00 -14.39
CA ASN C 128 32.74 -10.90 -14.44
C ASN C 128 32.40 -12.39 -14.47
N ASP C 129 31.11 -12.71 -14.56
CA ASP C 129 30.64 -14.09 -14.61
C ASP C 129 31.40 -14.97 -13.62
N ASP C 130 31.46 -14.54 -12.37
CA ASP C 130 32.26 -15.23 -11.36
C ASP C 130 31.85 -16.70 -11.24
N GLY C 131 32.83 -17.60 -11.29
CA GLY C 131 32.55 -19.02 -11.18
C GLY C 131 31.94 -19.55 -12.45
N GLY C 132 31.92 -18.71 -13.48
CA GLY C 132 31.35 -19.07 -14.78
C GLY C 132 29.84 -19.23 -14.76
N SER C 133 29.16 -18.53 -13.87
CA SER C 133 27.73 -18.76 -13.66
C SER C 133 27.01 -17.59 -13.01
N GLU C 134 27.17 -16.40 -13.58
CA GLU C 134 26.42 -15.24 -13.10
C GLU C 134 25.71 -14.57 -14.25
N ASP C 135 24.42 -14.84 -14.40
CA ASP C 135 23.66 -14.32 -15.54
C ASP C 135 22.62 -13.27 -15.19
N CYS C 136 22.39 -13.04 -13.89
CA CYS C 136 21.47 -11.99 -13.47
C CYS C 136 22.24 -10.79 -12.95
N VAL C 137 21.51 -9.72 -12.65
CA VAL C 137 22.11 -8.46 -12.20
C VAL C 137 21.50 -7.96 -10.90
N GLU C 138 22.36 -7.58 -9.96
CA GLU C 138 21.94 -6.97 -8.71
C GLU C 138 22.44 -5.53 -8.63
N ILE C 139 21.68 -4.69 -7.94
CA ILE C 139 22.10 -3.31 -7.72
C ILE C 139 22.30 -3.12 -6.22
N PHE C 140 23.47 -2.61 -5.84
CA PHE C 140 23.86 -2.45 -4.44
C PHE C 140 23.26 -1.17 -3.85
N THR C 141 23.38 -1.02 -2.53
CA THR C 141 23.01 0.21 -1.85
C THR C 141 23.72 1.42 -2.45
N ASN C 142 24.90 1.20 -3.04
CA ASN C 142 25.64 2.30 -3.66
C ASN C 142 25.22 2.58 -5.10
N GLY C 143 24.23 1.86 -5.59
CA GLY C 143 23.70 2.08 -6.92
C GLY C 143 24.43 1.37 -8.04
N LYS C 144 25.62 0.85 -7.76
CA LYS C 144 26.41 0.13 -8.74
C LYS C 144 25.84 -1.28 -8.98
N TRP C 145 26.09 -1.83 -10.16
CA TRP C 145 25.58 -3.16 -10.51
C TRP C 145 26.67 -4.23 -10.47
N ASN C 146 26.24 -5.45 -10.17
CA ASN C 146 27.09 -6.63 -10.19
C ASN C 146 26.33 -7.80 -10.80
N ASP C 147 26.95 -8.52 -11.75
CA ASP C 147 26.29 -9.75 -12.19
C ASP C 147 26.35 -10.81 -11.09
N ARG C 148 25.26 -11.55 -10.92
CA ARG C 148 25.13 -12.44 -9.79
C ARG C 148 24.32 -13.66 -10.19
N ALA C 149 24.53 -14.77 -9.48
CA ALA C 149 23.80 -15.99 -9.80
C ALA C 149 22.29 -15.77 -9.63
N CYS C 150 21.54 -16.18 -10.64
CA CYS C 150 20.09 -15.98 -10.65
C CYS C 150 19.39 -16.67 -9.49
N GLY C 151 20.04 -17.66 -8.90
CA GLY C 151 19.43 -18.43 -7.84
C GLY C 151 19.53 -17.77 -6.47
N GLU C 152 20.34 -16.72 -6.36
CA GLU C 152 20.42 -15.99 -5.11
C GLU C 152 19.10 -15.27 -4.84
N LYS C 153 18.84 -14.94 -3.57
CA LYS C 153 17.62 -14.22 -3.22
C LYS C 153 17.92 -12.75 -2.99
N ARG C 154 17.25 -11.89 -3.76
CA ARG C 154 17.44 -10.45 -3.67
C ARG C 154 16.09 -9.74 -3.55
N LEU C 155 16.12 -8.48 -3.13
CA LEU C 155 14.92 -7.67 -3.01
C LEU C 155 14.15 -7.59 -4.34
N VAL C 156 12.84 -7.80 -4.26
CA VAL C 156 11.98 -7.71 -5.43
C VAL C 156 11.51 -6.27 -5.62
N VAL C 157 11.85 -5.68 -6.77
CA VAL C 157 11.44 -4.34 -7.09
C VAL C 157 10.93 -4.35 -8.52
N CYS C 158 9.67 -3.93 -8.69
CA CYS C 158 9.05 -3.95 -10.02
C CYS C 158 8.96 -2.54 -10.53
N GLU C 159 8.74 -2.41 -11.83
CA GLU C 159 8.48 -1.10 -12.40
C GLU C 159 7.15 -1.11 -13.13
N PHE C 160 6.46 0.01 -13.06
CA PHE C 160 5.15 0.15 -13.67
C PHE C 160 5.11 1.43 -14.47
C1 MAN D . 9.23 4.79 30.97
C2 MAN D . 9.10 5.47 32.33
C3 MAN D . 8.23 4.65 33.26
C4 MAN D . 6.89 4.38 32.59
C5 MAN D . 7.13 3.76 31.21
C6 MAN D . 5.82 3.52 30.49
O1 MAN D . 9.84 3.53 31.14
O2 MAN D . 8.52 6.75 32.14
O3 MAN D . 8.03 5.34 34.47
O4 MAN D . 6.11 3.52 33.40
O5 MAN D . 7.94 4.62 30.43
O6 MAN D . 5.23 4.77 30.18
C1 MAN D . 9.37 7.72 32.75
C2 MAN D . 8.61 9.04 32.85
C3 MAN D . 8.46 9.68 31.48
C4 MAN D . 9.81 9.76 30.79
C5 MAN D . 10.47 8.39 30.75
C6 MAN D . 11.85 8.50 30.10
O2 MAN D . 9.30 9.93 33.69
O3 MAN D . 7.96 10.99 31.62
O4 MAN D . 9.66 10.27 29.47
O5 MAN D . 10.61 7.88 32.07
O6 MAN D . 12.39 7.21 30.00
C1 MAN E . -5.96 -31.13 9.62
C2 MAN E . -6.67 -32.18 8.78
C3 MAN E . -6.03 -32.25 7.41
C4 MAN E . -6.17 -30.87 6.78
C5 MAN E . -5.49 -29.84 7.70
C6 MAN E . -5.60 -28.44 7.11
O1 MAN E . -4.59 -31.46 9.78
O2 MAN E . -8.02 -31.77 8.62
O3 MAN E . -6.66 -33.23 6.61
O4 MAN E . -5.58 -30.85 5.51
O5 MAN E . -6.08 -29.87 9.00
O6 MAN E . -5.05 -27.49 8.00
C1 MAN E . -8.84 -32.41 9.62
C2 MAN E . -10.25 -32.51 9.06
C3 MAN E . -10.78 -31.11 8.82
C4 MAN E . -10.72 -30.35 10.14
C5 MAN E . -9.30 -30.38 10.72
C6 MAN E . -9.25 -29.71 12.08
O2 MAN E . -11.06 -33.17 10.00
O3 MAN E . -12.11 -31.18 8.42
O4 MAN E . -11.16 -29.01 9.97
O5 MAN E . -8.87 -31.72 10.85
O6 MAN E . -7.98 -29.97 12.66
C1 MAN F . 30.21 -9.35 -2.97
C2 MAN F . 31.67 -9.62 -3.33
C3 MAN F . 32.60 -8.62 -2.64
C4 MAN F . 32.10 -7.18 -2.76
C5 MAN F . 30.60 -7.04 -2.51
C6 MAN F . 30.15 -5.63 -2.89
O1 MAN F . 29.98 -9.61 -1.60
O2 MAN F . 31.78 -9.58 -4.74
O3 MAN F . 33.89 -8.70 -3.20
O4 MAN F . 32.80 -6.38 -1.81
O5 MAN F . 29.88 -8.01 -3.27
O6 MAN F . 29.12 -5.16 -2.06
C1 MAN F . 32.45 -10.73 -5.25
C2 MAN F . 32.85 -10.44 -6.71
C3 MAN F . 31.59 -10.35 -7.55
C4 MAN F . 30.79 -11.64 -7.39
C5 MAN F . 30.49 -11.83 -5.90
C6 MAN F . 29.65 -13.08 -5.65
O2 MAN F . 33.71 -11.43 -7.20
O3 MAN F . 31.89 -10.17 -8.91
O4 MAN F . 29.60 -11.58 -8.14
O5 MAN F . 31.70 -11.92 -5.19
O6 MAN F . 30.32 -14.21 -6.14
CA CA G . 8.37 12.63 29.64
CA CA H . 11.85 19.55 26.50
CA CA I . 15.43 21.02 25.64
CA CA J . -13.62 -29.09 8.80
CA CA K . -20.32 -25.59 12.22
CA CA L . -21.84 -24.49 15.64
CA CA M . 29.91 -10.54 -10.59
CA CA N . 27.00 -14.25 -17.29
CA CA O . 25.97 -17.82 -18.74
#